data_9GL9
#
_entry.id   9GL9
#
_cell.length_a   145.765
_cell.length_b   145.765
_cell.length_c   145.765
_cell.angle_alpha   90
_cell.angle_beta   90
_cell.angle_gamma   90
#
_symmetry.space_group_name_H-M   'I 2 3'
#
loop_
_entity.id
_entity.type
_entity.pdbx_description
1 polymer 'Epidermal growth factor receptor'
2 non-polymer 'CHLORIDE ION'
3 non-polymer (2R,3S)-3-[(3-chloranyl-2-methoxy-phenyl)amino]-2-[3-[2-[(2R)-1-[(E)-4-(dimethylamino)but-2-enoyl]-2-methyl-pyrrolidin-2-yl]ethynyl]pyridin-4-yl]-1,2,3,5,6,7-hexahydropyrrolo[3,2-c]pyridin-4-one
4 water water
#
_entity_poly.entity_id   1
_entity_poly.type   'polypeptide(L)'
_entity_poly.pdbx_seq_one_letter_code
;GAMGEAPNQALLRILKETEFKKIKVLGSGAFGTVYKGLWIPEGEKVKIPVAIKELREATSPKANKEILDEAYVMASVDNP
HVCRLLGICLTSTVQLITQLMPFGCLLDYVREHKDNIGSQYLLNWCVQIAKGMNYLEDRRLVHRDLAARNVLVKTPQHVK
ITDFGLAKLLGAEEKEYHAEGGKVPIKWMALESILHRIYTHQSDVWSYGVTVWELMTFGSKPYDGIPASEISSILEKGER
LPQPPICTIDVYMIMVKCWMIDADSRPKFRELIIEFSKMARDPQRYLVIQGDERMHLPSPTDSNFYRALMDEEDMDDVVD
ADEYLIPQQG
;
_entity_poly.pdbx_strand_id   A
#
loop_
_chem_comp.id
_chem_comp.type
_chem_comp.name
_chem_comp.formula
A1IMT non-polymer (2R,3S)-3-[(3-chloranyl-2-methoxy-phenyl)amino]-2-[3-[2-[(2R)-1-[(E)-4-(dimethylamino)but-2-enoyl]-2-methyl-pyrrolidin-2-yl]ethynyl]pyridin-4-yl]-1,2,3,5,6,7-hexahydropyrrolo[3,2-c]pyridin-4-one 'C32 H37 Cl N6 O3'
CL non-polymer 'CHLORIDE ION' 'Cl -1'
#
# COMPACT_ATOMS: atom_id res chain seq x y z
N ALA A 2 -1.72 -19.48 26.59
CA ALA A 2 -1.07 -19.27 27.88
C ALA A 2 -0.17 -18.01 27.89
N MET A 3 0.40 -17.65 26.73
CA MET A 3 1.23 -16.44 26.55
C MET A 3 0.83 -15.63 25.29
N GLY A 4 -0.16 -16.10 24.50
CA GLY A 4 -0.63 -15.42 23.32
C GLY A 4 0.46 -15.13 22.31
N GLU A 5 1.00 -13.91 22.35
CA GLU A 5 2.03 -13.43 21.43
C GLU A 5 3.25 -12.88 22.20
N ALA A 6 4.38 -12.69 21.50
CA ALA A 6 5.59 -12.13 22.10
C ALA A 6 5.38 -10.63 22.41
N PRO A 7 6.10 -10.04 23.41
CA PRO A 7 5.88 -8.60 23.68
C PRO A 7 6.23 -7.68 22.53
N ASN A 8 5.37 -6.69 22.26
CA ASN A 8 5.62 -5.73 21.19
C ASN A 8 6.42 -4.56 21.76
N GLN A 9 7.75 -4.61 21.60
CA GLN A 9 8.65 -3.58 22.13
C GLN A 9 8.90 -2.44 21.15
N ALA A 10 8.00 -2.21 20.18
CA ALA A 10 8.12 -1.08 19.27
C ALA A 10 8.08 0.23 20.05
N LEU A 11 8.82 1.21 19.58
CA LEU A 11 8.87 2.51 20.21
C LEU A 11 7.86 3.41 19.53
N LEU A 12 7.15 4.22 20.30
CA LEU A 12 6.21 5.18 19.76
C LEU A 12 6.79 6.53 20.07
N ARG A 13 7.15 7.27 19.04
CA ARG A 13 7.76 8.56 19.20
C ARG A 13 6.71 9.68 19.15
N ILE A 14 6.70 10.54 20.19
CA ILE A 14 5.78 11.68 20.28
C ILE A 14 6.58 12.85 19.76
N LEU A 15 6.14 13.46 18.66
CA LEU A 15 6.89 14.52 18.01
C LEU A 15 6.29 15.88 18.32
N LYS A 16 7.16 16.83 18.66
CA LYS A 16 6.74 18.18 19.00
C LYS A 16 6.25 18.89 17.77
N GLU A 17 5.13 19.61 17.89
CA GLU A 17 4.55 20.42 16.81
C GLU A 17 5.56 21.46 16.31
N THR A 18 6.43 21.99 17.21
CA THR A 18 7.47 22.96 16.85
C THR A 18 8.59 22.38 15.99
N GLU A 19 8.67 21.04 15.85
CA GLU A 19 9.67 20.43 14.99
C GLU A 19 9.19 20.37 13.52
N PHE A 20 7.98 20.85 13.18
CA PHE A 20 7.47 20.76 11.82
C PHE A 20 7.37 22.13 11.16
N LYS A 21 7.86 22.25 9.92
CA LYS A 21 7.83 23.50 9.16
C LYS A 21 7.24 23.25 7.78
N LYS A 22 6.79 24.33 7.12
CA LYS A 22 6.28 24.32 5.75
C LYS A 22 5.13 23.34 5.53
N ILE A 23 4.11 23.39 6.38
CA ILE A 23 2.96 22.50 6.24
C ILE A 23 2.05 23.03 5.15
N LYS A 24 1.67 22.15 4.23
CA LYS A 24 0.78 22.47 3.11
C LYS A 24 -0.15 21.29 2.90
N VAL A 25 -1.41 21.56 2.54
CA VAL A 25 -2.38 20.50 2.28
C VAL A 25 -1.95 19.79 0.99
N LEU A 26 -2.01 18.45 0.97
CA LEU A 26 -1.69 17.66 -0.22
C LEU A 26 -2.98 17.14 -0.87
N GLY A 27 -3.90 16.66 -0.05
CA GLY A 27 -5.14 16.09 -0.53
C GLY A 27 -6.03 15.60 0.59
N SER A 28 -7.28 15.31 0.26
CA SER A 28 -8.33 14.88 1.21
C SER A 28 -9.21 13.79 0.57
N GLY A 29 -9.90 13.04 1.41
CA GLY A 29 -10.82 11.98 0.98
C GLY A 29 -11.34 11.18 2.16
N ALA A 30 -11.86 9.98 1.93
CA ALA A 30 -12.37 9.13 3.02
C ALA A 30 -11.27 8.84 4.07
N PHE A 31 -10.00 8.81 3.66
CA PHE A 31 -8.83 8.61 4.55
C PHE A 31 -8.55 9.81 5.48
N GLY A 32 -9.17 10.95 5.23
CA GLY A 32 -9.00 12.16 6.00
C GLY A 32 -8.25 13.20 5.21
N THR A 33 -7.40 14.00 5.86
CA THR A 33 -6.60 15.03 5.22
C THR A 33 -5.13 14.67 5.37
N VAL A 34 -4.37 14.80 4.29
CA VAL A 34 -2.94 14.53 4.30
C VAL A 34 -2.23 15.84 3.96
N TYR A 35 -1.25 16.23 4.77
CA TYR A 35 -0.41 17.40 4.52
C TYR A 35 1.03 16.93 4.27
N LYS A 36 1.81 17.78 3.61
CA LYS A 36 3.25 17.57 3.46
C LYS A 36 3.94 18.60 4.37
N GLY A 37 5.20 18.35 4.69
CA GLY A 37 5.97 19.26 5.52
C GLY A 37 7.38 18.77 5.73
N LEU A 38 8.10 19.47 6.58
CA LEU A 38 9.47 19.10 6.93
C LEU A 38 9.53 18.89 8.42
N TRP A 39 10.02 17.74 8.84
CA TRP A 39 10.22 17.44 10.24
C TRP A 39 11.71 17.68 10.50
N ILE A 40 12.02 18.59 11.39
CA ILE A 40 13.37 18.98 11.73
C ILE A 40 13.56 18.56 13.17
N PRO A 41 14.01 17.31 13.48
CA PRO A 41 14.20 16.94 14.89
C PRO A 41 15.22 17.85 15.57
N GLU A 42 14.84 18.42 16.72
CA GLU A 42 15.71 19.36 17.44
C GLU A 42 17.02 18.71 17.86
N GLY A 43 18.08 19.50 17.86
CA GLY A 43 19.42 19.02 18.20
C GLY A 43 19.99 18.07 17.16
N GLU A 44 19.49 18.15 15.91
CA GLU A 44 19.93 17.30 14.81
C GLU A 44 19.84 18.12 13.53
N LYS A 45 20.91 18.12 12.72
CA LYS A 45 21.01 18.93 11.49
C LYS A 45 20.38 18.20 10.28
N VAL A 46 19.10 17.81 10.41
CA VAL A 46 18.39 17.09 9.35
C VAL A 46 17.01 17.70 9.09
N LYS A 47 16.55 17.61 7.83
CA LYS A 47 15.23 18.07 7.42
C LYS A 47 14.61 16.87 6.72
N ILE A 48 13.58 16.28 7.30
CA ILE A 48 12.97 15.08 6.75
C ILE A 48 11.64 15.41 6.07
N PRO A 49 11.48 15.22 4.72
CA PRO A 49 10.16 15.45 4.11
C PRO A 49 9.19 14.43 4.66
N VAL A 50 8.02 14.90 5.13
CA VAL A 50 7.02 14.05 5.79
C VAL A 50 5.61 14.27 5.22
N ALA A 51 4.76 13.28 5.44
CA ALA A 51 3.33 13.40 5.21
C ALA A 51 2.69 13.28 6.61
N ILE A 52 1.64 14.06 6.82
CA ILE A 52 0.96 14.13 8.12
C ILE A 52 -0.51 13.81 7.83
N LYS A 53 -1.08 12.82 8.52
CA LYS A 53 -2.48 12.46 8.29
C LYS A 53 -3.35 12.82 9.48
N GLU A 54 -4.56 13.32 9.19
CA GLU A 54 -5.59 13.72 10.15
C GLU A 54 -6.88 13.04 9.76
N LEU A 55 -7.66 12.48 10.71
CA LEU A 55 -9.00 11.98 10.35
C LEU A 55 -9.85 13.25 10.30
N ARG A 56 -10.33 13.62 9.10
CA ARG A 56 -11.09 14.87 8.92
C ARG A 56 -12.52 14.78 9.47
N THR A 59 -10.18 15.23 16.56
CA THR A 59 -10.81 16.05 17.59
C THR A 59 -11.74 15.21 18.47
N SER A 60 -12.60 14.39 17.84
CA SER A 60 -13.60 13.56 18.51
C SER A 60 -12.96 12.33 19.24
N PRO A 61 -13.55 11.81 20.37
CA PRO A 61 -12.96 10.61 21.01
C PRO A 61 -12.82 9.37 20.13
N LYS A 62 -13.87 9.02 19.34
CA LYS A 62 -13.84 7.83 18.49
C LYS A 62 -12.81 7.97 17.37
N ALA A 63 -12.64 9.18 16.81
CA ALA A 63 -11.64 9.38 15.76
C ALA A 63 -10.23 9.11 16.33
N ASN A 64 -9.87 9.71 17.48
CA ASN A 64 -8.57 9.53 18.13
C ASN A 64 -8.26 8.05 18.45
N LYS A 65 -9.26 7.25 18.85
CA LYS A 65 -9.04 5.82 19.11
C LYS A 65 -8.67 5.10 17.79
N GLU A 66 -9.37 5.39 16.70
CA GLU A 66 -9.09 4.76 15.41
C GLU A 66 -7.72 5.15 14.86
N ILE A 67 -7.33 6.43 14.96
CA ILE A 67 -6.01 6.85 14.46
C ILE A 67 -4.88 6.22 15.30
N LEU A 68 -5.10 6.04 16.61
CA LEU A 68 -4.09 5.43 17.47
C LEU A 68 -3.97 3.92 17.22
N ASP A 69 -5.05 3.21 16.78
CA ASP A 69 -4.91 1.80 16.39
C ASP A 69 -4.05 1.72 15.13
N GLU A 70 -4.22 2.64 14.18
CA GLU A 70 -3.40 2.67 12.97
C GLU A 70 -1.94 2.98 13.38
N ALA A 71 -1.71 3.95 14.31
CA ALA A 71 -0.37 4.26 14.82
C ALA A 71 0.27 2.99 15.45
N TYR A 72 -0.47 2.25 16.27
CA TYR A 72 0.02 1.02 16.91
C TYR A 72 0.56 0.02 15.85
N VAL A 73 -0.24 -0.23 14.80
CA VAL A 73 0.14 -1.17 13.75
C VAL A 73 1.37 -0.66 12.97
N MET A 74 1.37 0.61 12.54
CA MET A 74 2.49 1.16 11.77
C MET A 74 3.79 1.34 12.54
N ALA A 75 3.71 1.59 13.86
CA ALA A 75 4.91 1.70 14.67
C ALA A 75 5.57 0.32 14.81
N SER A 76 4.79 -0.76 14.69
CA SER A 76 5.21 -2.13 14.86
C SER A 76 5.66 -2.77 13.54
N VAL A 77 5.93 -2.01 12.46
CA VAL A 77 6.32 -2.60 11.17
C VAL A 77 7.59 -1.94 10.70
N ASP A 78 8.52 -2.73 10.20
CA ASP A 78 9.80 -2.24 9.72
C ASP A 78 10.17 -3.06 8.48
N ASN A 79 9.80 -2.56 7.32
CA ASN A 79 10.12 -3.23 6.06
C ASN A 79 10.25 -2.18 4.95
N PRO A 80 11.19 -2.30 3.96
CA PRO A 80 11.25 -1.29 2.89
C PRO A 80 10.01 -1.14 2.01
N HIS A 81 9.09 -2.10 2.03
CA HIS A 81 7.89 -2.03 1.17
C HIS A 81 6.60 -1.81 1.98
N VAL A 82 6.73 -1.29 3.20
CA VAL A 82 5.61 -0.96 4.08
C VAL A 82 5.89 0.43 4.64
N CYS A 83 4.89 1.33 4.65
CA CYS A 83 5.05 2.66 5.21
C CYS A 83 5.37 2.57 6.67
N ARG A 84 6.30 3.40 7.13
CA ARG A 84 6.75 3.39 8.52
C ARG A 84 6.22 4.65 9.22
N LEU A 85 5.79 4.50 10.47
CA LEU A 85 5.35 5.62 11.27
C LEU A 85 6.62 6.26 11.82
N LEU A 86 6.85 7.51 11.50
CA LEU A 86 7.96 8.27 12.10
C LEU A 86 7.58 8.68 13.54
N GLY A 87 6.30 8.94 13.79
CA GLY A 87 5.80 9.30 15.10
C GLY A 87 4.40 9.87 15.01
N ILE A 88 3.91 10.39 16.13
CA ILE A 88 2.59 11.02 16.20
C ILE A 88 2.74 12.43 16.79
N CYS A 89 1.82 13.33 16.46
CA CYS A 89 1.81 14.66 17.05
C CYS A 89 0.50 14.80 17.85
N LEU A 90 0.59 15.20 19.12
CA LEU A 90 -0.57 15.28 20.00
C LEU A 90 -1.24 16.66 20.03
N THR A 91 -1.85 17.03 18.92
CA THR A 91 -2.67 18.24 18.81
C THR A 91 -4.09 17.84 19.32
N SER A 92 -5.13 18.72 19.26
CA SER A 92 -6.50 18.34 19.68
C SER A 92 -6.96 17.03 19.01
N THR A 93 -6.55 16.85 17.74
CA THR A 93 -6.73 15.61 16.98
C THR A 93 -5.32 15.03 16.82
N VAL A 94 -5.18 13.72 16.98
CA VAL A 94 -3.88 13.07 16.88
C VAL A 94 -3.54 12.96 15.38
N GLN A 95 -2.31 13.35 15.01
CA GLN A 95 -1.85 13.27 13.63
C GLN A 95 -0.77 12.19 13.53
N LEU A 96 -0.73 11.47 12.41
CA LEU A 96 0.28 10.46 12.15
C LEU A 96 1.31 11.05 11.21
N ILE A 97 2.58 10.76 11.47
CA ILE A 97 3.70 11.28 10.69
C ILE A 97 4.38 10.11 10.01
N THR A 98 4.62 10.22 8.71
CA THR A 98 5.32 9.20 7.95
C THR A 98 6.20 9.91 6.89
N GLN A 99 7.04 9.13 6.21
CA GLN A 99 7.87 9.59 5.10
C GLN A 99 6.98 10.11 3.98
N LEU A 100 7.31 11.26 3.42
CA LEU A 100 6.59 11.80 2.28
C LEU A 100 6.84 10.89 1.07
N MET A 101 5.78 10.55 0.32
CA MET A 101 5.90 9.71 -0.88
C MET A 101 5.54 10.66 -2.01
N PRO A 102 6.53 11.37 -2.60
CA PRO A 102 6.19 12.51 -3.48
C PRO A 102 5.45 12.19 -4.76
N PHE A 103 5.50 10.94 -5.22
CA PHE A 103 4.76 10.54 -6.42
C PHE A 103 3.31 10.04 -6.10
N GLY A 104 2.85 10.22 -4.86
CA GLY A 104 1.49 9.89 -4.45
C GLY A 104 1.20 8.41 -4.37
N CYS A 105 -0.02 8.00 -4.76
CA CYS A 105 -0.42 6.59 -4.72
C CYS A 105 -0.29 5.98 -6.10
N LEU A 106 -0.15 4.67 -6.16
CA LEU A 106 0.07 3.97 -7.41
C LEU A 106 -1.17 3.99 -8.29
N LEU A 107 -2.40 4.12 -7.72
CA LEU A 107 -3.61 4.18 -8.54
C LEU A 107 -3.57 5.44 -9.41
N ASP A 108 -3.27 6.62 -8.81
CA ASP A 108 -3.15 7.86 -9.57
C ASP A 108 -1.97 7.78 -10.50
N TYR A 109 -0.83 7.25 -10.04
CA TYR A 109 0.38 7.17 -10.84
C TYR A 109 0.19 6.41 -12.15
N VAL A 110 -0.42 5.22 -12.09
CA VAL A 110 -0.63 4.42 -13.31
C VAL A 110 -1.62 5.12 -14.26
N ARG A 111 -2.58 5.89 -13.74
CA ARG A 111 -3.53 6.60 -14.61
C ARG A 111 -2.82 7.76 -15.30
N GLU A 112 -2.08 8.57 -14.52
CA GLU A 112 -1.37 9.73 -15.04
C GLU A 112 -0.27 9.37 -16.03
N HIS A 113 0.47 8.28 -15.80
CA HIS A 113 1.60 7.90 -16.65
C HIS A 113 1.38 6.62 -17.44
N LYS A 114 0.12 6.25 -17.72
CA LYS A 114 -0.16 5.01 -18.45
C LYS A 114 0.61 4.82 -19.78
N ASP A 115 0.91 5.90 -20.53
CA ASP A 115 1.65 5.76 -21.80
C ASP A 115 3.17 5.66 -21.61
N ASN A 116 3.71 5.94 -20.41
CA ASN A 116 5.13 5.87 -20.14
C ASN A 116 5.50 4.76 -19.14
N ILE A 117 4.60 3.77 -18.88
CA ILE A 117 4.92 2.71 -17.92
C ILE A 117 5.24 1.41 -18.67
N GLY A 118 6.45 0.92 -18.50
CA GLY A 118 6.90 -0.32 -19.12
C GLY A 118 6.65 -1.54 -18.24
N SER A 119 6.84 -2.71 -18.83
CA SER A 119 6.65 -3.99 -18.17
C SER A 119 7.56 -4.18 -16.95
N GLN A 120 8.80 -3.67 -17.01
CA GLN A 120 9.75 -3.81 -15.92
C GLN A 120 9.22 -3.15 -14.65
N TYR A 121 8.67 -1.93 -14.77
CA TYR A 121 8.14 -1.23 -13.60
C TYR A 121 6.93 -1.97 -13.02
N LEU A 122 5.99 -2.39 -13.86
CA LEU A 122 4.79 -3.07 -13.41
C LEU A 122 5.11 -4.35 -12.65
N LEU A 123 6.01 -5.18 -13.20
CA LEU A 123 6.37 -6.45 -12.57
C LEU A 123 7.20 -6.21 -11.32
N ASN A 124 8.06 -5.17 -11.30
CA ASN A 124 8.81 -4.82 -10.09
C ASN A 124 7.86 -4.35 -8.98
N TRP A 125 6.80 -3.59 -9.31
CA TRP A 125 5.83 -3.15 -8.28
C TRP A 125 5.11 -4.38 -7.71
N CYS A 126 4.77 -5.35 -8.55
CA CYS A 126 4.16 -6.61 -8.10
C CYS A 126 5.08 -7.34 -7.11
N VAL A 127 6.40 -7.42 -7.41
CA VAL A 127 7.39 -8.06 -6.52
C VAL A 127 7.39 -7.30 -5.17
N GLN A 128 7.54 -5.96 -5.22
CA GLN A 128 7.63 -5.13 -4.02
C GLN A 128 6.37 -5.18 -3.15
N ILE A 129 5.19 -5.16 -3.77
CA ILE A 129 3.93 -5.27 -3.01
C ILE A 129 3.86 -6.65 -2.35
N ALA A 130 4.28 -7.72 -3.06
CA ALA A 130 4.27 -9.08 -2.50
C ALA A 130 5.28 -9.20 -1.36
N LYS A 131 6.42 -8.51 -1.45
CA LYS A 131 7.43 -8.51 -0.39
C LYS A 131 6.87 -7.83 0.86
N GLY A 132 6.25 -6.65 0.70
CA GLY A 132 5.65 -5.95 1.83
C GLY A 132 4.54 -6.78 2.48
N MET A 133 3.72 -7.46 1.67
CA MET A 133 2.63 -8.28 2.18
C MET A 133 3.13 -9.55 2.85
N ASN A 134 4.21 -10.16 2.33
CA ASN A 134 4.83 -11.33 2.95
C ASN A 134 5.38 -10.92 4.33
N TYR A 135 5.97 -9.72 4.43
CA TYR A 135 6.48 -9.22 5.71
C TYR A 135 5.31 -9.06 6.69
N LEU A 136 4.17 -8.50 6.24
CA LEU A 136 3.00 -8.35 7.12
C LEU A 136 2.50 -9.73 7.56
N GLU A 137 2.55 -10.74 6.67
CA GLU A 137 2.17 -12.11 7.06
C GLU A 137 3.14 -12.66 8.11
N ASP A 138 4.45 -12.43 7.98
CA ASP A 138 5.43 -12.86 8.99
C ASP A 138 5.10 -12.24 10.37
N ARG A 139 4.58 -10.99 10.37
CA ARG A 139 4.19 -10.29 11.60
C ARG A 139 2.75 -10.63 12.02
N ARG A 140 2.06 -11.58 11.33
CA ARG A 140 0.70 -12.02 11.58
C ARG A 140 -0.31 -10.89 11.40
N LEU A 141 -0.02 -9.91 10.51
CA LEU A 141 -0.91 -8.81 10.26
C LEU A 141 -1.67 -9.06 8.98
N VAL A 142 -3.00 -8.89 9.03
CA VAL A 142 -3.86 -9.01 7.88
C VAL A 142 -4.20 -7.54 7.59
N HIS A 143 -3.84 -7.05 6.41
CA HIS A 143 -4.04 -5.66 6.04
C HIS A 143 -5.54 -5.33 5.88
N ARG A 144 -6.27 -6.15 5.10
CA ARG A 144 -7.72 -6.03 4.83
C ARG A 144 -8.12 -4.86 3.93
N ASP A 145 -7.19 -4.01 3.50
CA ASP A 145 -7.54 -2.92 2.58
C ASP A 145 -6.46 -2.76 1.50
N LEU A 146 -5.89 -3.89 1.03
CA LEU A 146 -4.89 -3.81 -0.01
C LEU A 146 -5.61 -3.46 -1.31
N ALA A 147 -5.11 -2.42 -1.99
CA ALA A 147 -5.64 -1.88 -3.26
C ALA A 147 -4.57 -0.91 -3.83
N ALA A 148 -4.62 -0.59 -5.11
CA ALA A 148 -3.63 0.31 -5.72
C ALA A 148 -3.69 1.74 -5.10
N ARG A 149 -4.85 2.20 -4.58
CA ARG A 149 -4.97 3.47 -3.86
C ARG A 149 -4.15 3.44 -2.54
N ASN A 150 -3.87 2.25 -1.97
CA ASN A 150 -3.11 2.12 -0.73
C ASN A 150 -1.67 1.64 -0.93
N VAL A 151 -1.11 1.84 -2.13
CA VAL A 151 0.30 1.57 -2.37
C VAL A 151 0.88 2.93 -2.74
N LEU A 152 1.92 3.40 -2.05
CA LEU A 152 2.51 4.71 -2.31
C LEU A 152 3.80 4.63 -3.06
N VAL A 153 4.11 5.71 -3.79
CA VAL A 153 5.25 5.75 -4.67
C VAL A 153 6.30 6.72 -4.10
N LYS A 154 7.37 6.14 -3.47
CA LYS A 154 8.48 6.92 -2.95
C LYS A 154 9.21 7.48 -4.19
N THR A 155 9.58 6.59 -5.13
CA THR A 155 10.12 6.89 -6.45
C THR A 155 9.41 5.93 -7.41
N PRO A 156 9.39 6.14 -8.74
CA PRO A 156 8.83 5.10 -9.64
C PRO A 156 9.45 3.70 -9.42
N GLN A 157 10.66 3.61 -8.86
CA GLN A 157 11.34 2.32 -8.62
C GLN A 157 11.04 1.72 -7.22
N HIS A 158 10.37 2.44 -6.32
CA HIS A 158 10.21 1.98 -4.95
C HIS A 158 8.84 2.35 -4.42
N VAL A 159 8.02 1.34 -4.16
CA VAL A 159 6.67 1.53 -3.61
C VAL A 159 6.55 0.91 -2.22
N LYS A 160 5.58 1.40 -1.43
CA LYS A 160 5.32 0.92 -0.08
C LYS A 160 3.83 0.83 0.16
N ILE A 161 3.41 -0.12 0.97
CA ILE A 161 1.99 -0.31 1.32
C ILE A 161 1.65 0.68 2.44
N THR A 162 0.48 1.33 2.35
CA THR A 162 0.02 2.28 3.37
C THR A 162 -1.40 1.93 3.88
N ASP A 163 -1.96 2.81 4.78
CA ASP A 163 -3.31 2.78 5.31
C ASP A 163 -3.57 1.50 6.04
N PHE A 164 -3.20 1.51 7.33
CA PHE A 164 -3.42 0.38 8.19
C PHE A 164 -4.71 0.55 9.03
N GLY A 165 -5.67 1.35 8.53
CA GLY A 165 -6.94 1.62 9.20
C GLY A 165 -7.79 0.40 9.45
N LEU A 166 -7.77 -0.60 8.55
CA LEU A 166 -8.53 -1.85 8.72
C LEU A 166 -7.65 -3.03 9.17
N ALA A 167 -6.33 -2.86 9.31
CA ALA A 167 -5.43 -3.96 9.68
C ALA A 167 -5.69 -4.57 11.06
N LYS A 168 -5.59 -5.90 11.15
CA LYS A 168 -5.78 -6.63 12.40
C LYS A 168 -4.67 -7.66 12.55
N LEU A 169 -4.32 -7.96 13.80
CA LEU A 169 -3.28 -8.92 14.14
C LEU A 169 -3.96 -10.26 14.41
N LEU A 170 -4.02 -11.18 13.41
CA LEU A 170 -4.69 -12.48 13.57
C LEU A 170 -3.86 -13.50 14.42
N LYS A 175 -6.22 -18.26 13.51
CA LYS A 175 -6.25 -18.68 12.11
C LYS A 175 -7.03 -17.72 11.20
N GLU A 176 -8.05 -17.01 11.75
CA GLU A 176 -8.93 -16.10 11.01
C GLU A 176 -9.34 -14.91 11.88
N TYR A 177 -9.77 -13.80 11.24
CA TYR A 177 -10.30 -12.63 11.93
C TYR A 177 -11.76 -12.44 11.46
N HIS A 178 -12.66 -12.08 12.40
CA HIS A 178 -14.09 -11.86 12.13
C HIS A 178 -14.47 -10.40 12.39
N ALA A 179 -14.85 -9.66 11.32
CA ALA A 179 -15.25 -8.25 11.40
C ALA A 179 -16.65 -8.04 12.04
N GLU A 180 -16.96 -6.80 12.48
CA GLU A 180 -18.24 -6.42 13.08
C GLU A 180 -18.73 -5.10 12.46
N GLY A 181 -19.38 -5.19 11.30
CA GLY A 181 -19.94 -4.05 10.60
C GLY A 181 -18.90 -3.09 10.02
N GLY A 182 -19.36 -1.88 9.70
CA GLY A 182 -18.52 -0.83 9.11
C GLY A 182 -18.45 -0.91 7.61
N LYS A 183 -18.00 0.17 6.95
CA LYS A 183 -17.88 0.19 5.48
C LYS A 183 -16.60 -0.56 5.09
N VAL A 184 -16.69 -1.55 4.17
CA VAL A 184 -15.53 -2.35 3.76
C VAL A 184 -15.45 -2.37 2.19
N PRO A 185 -14.26 -2.26 1.57
CA PRO A 185 -14.19 -2.21 0.09
C PRO A 185 -14.47 -3.57 -0.58
N ILE A 186 -15.75 -3.81 -0.86
CA ILE A 186 -16.26 -5.06 -1.41
C ILE A 186 -15.52 -5.55 -2.68
N LYS A 187 -15.23 -4.65 -3.63
CA LYS A 187 -14.63 -5.03 -4.91
C LYS A 187 -13.17 -5.53 -4.82
N TRP A 188 -12.54 -5.45 -3.64
CA TRP A 188 -11.19 -5.99 -3.39
C TRP A 188 -11.20 -7.18 -2.42
N MET A 189 -12.35 -7.51 -1.85
CA MET A 189 -12.45 -8.54 -0.85
C MET A 189 -12.65 -9.94 -1.40
N ALA A 190 -12.06 -10.92 -0.70
CA ALA A 190 -12.27 -12.32 -1.00
C ALA A 190 -13.73 -12.67 -0.70
N LEU A 191 -14.27 -13.63 -1.44
CA LEU A 191 -15.66 -14.03 -1.26
C LEU A 191 -15.99 -14.46 0.18
N GLU A 192 -15.11 -15.24 0.83
CA GLU A 192 -15.36 -15.65 2.22
C GLU A 192 -15.44 -14.43 3.17
N SER A 193 -14.75 -13.31 2.84
CA SER A 193 -14.82 -12.10 3.65
C SER A 193 -16.15 -11.38 3.44
N ILE A 194 -16.67 -11.33 2.21
CA ILE A 194 -17.96 -10.69 1.94
C ILE A 194 -19.09 -11.50 2.63
N LEU A 195 -19.11 -12.82 2.43
CA LEU A 195 -20.18 -13.66 2.98
C LEU A 195 -20.07 -13.93 4.47
N HIS A 196 -18.87 -14.25 4.98
CA HIS A 196 -18.71 -14.68 6.37
C HIS A 196 -17.81 -13.83 7.23
N ARG A 197 -17.32 -12.68 6.73
CA ARG A 197 -16.43 -11.79 7.48
C ARG A 197 -15.14 -12.51 7.93
N ILE A 198 -14.68 -13.51 7.18
CA ILE A 198 -13.46 -14.25 7.49
C ILE A 198 -12.33 -13.52 6.78
N TYR A 199 -11.30 -13.11 7.52
CA TYR A 199 -10.14 -12.42 6.96
C TYR A 199 -8.91 -13.15 7.38
N THR A 200 -8.05 -13.49 6.44
CA THR A 200 -6.80 -14.21 6.67
C THR A 200 -5.72 -13.57 5.76
N HIS A 201 -4.46 -14.03 5.84
CA HIS A 201 -3.44 -13.62 4.86
C HIS A 201 -3.85 -14.06 3.44
N GLN A 202 -4.64 -15.17 3.32
CA GLN A 202 -5.14 -15.64 2.03
C GLN A 202 -6.28 -14.78 1.47
N SER A 203 -7.05 -14.06 2.31
CA SER A 203 -8.03 -13.10 1.80
C SER A 203 -7.28 -11.83 1.33
N ASP A 204 -6.14 -11.49 1.97
CA ASP A 204 -5.29 -10.41 1.47
C ASP A 204 -4.68 -10.79 0.08
N VAL A 205 -4.45 -12.10 -0.18
CA VAL A 205 -3.93 -12.56 -1.48
C VAL A 205 -4.94 -12.24 -2.58
N TRP A 206 -6.25 -12.36 -2.30
CA TRP A 206 -7.30 -12.01 -3.24
C TRP A 206 -7.22 -10.50 -3.57
N SER A 207 -7.08 -9.64 -2.53
CA SER A 207 -6.94 -8.19 -2.72
C SER A 207 -5.69 -7.88 -3.53
N TYR A 208 -4.61 -8.63 -3.33
CA TYR A 208 -3.39 -8.50 -4.10
C TYR A 208 -3.66 -8.76 -5.59
N GLY A 209 -4.44 -9.82 -5.89
CA GLY A 209 -4.85 -10.13 -7.26
C GLY A 209 -5.59 -8.97 -7.90
N VAL A 210 -6.54 -8.37 -7.16
CA VAL A 210 -7.29 -7.22 -7.66
C VAL A 210 -6.36 -6.01 -7.86
N THR A 211 -5.40 -5.79 -6.94
CA THR A 211 -4.42 -4.69 -7.04
C THR A 211 -3.57 -4.84 -8.28
N VAL A 212 -3.11 -6.07 -8.55
CA VAL A 212 -2.32 -6.37 -9.74
C VAL A 212 -3.17 -6.10 -11.01
N TRP A 213 -4.47 -6.47 -10.99
CA TRP A 213 -5.37 -6.19 -12.12
C TRP A 213 -5.48 -4.67 -12.32
N GLU A 214 -5.56 -3.88 -11.22
CA GLU A 214 -5.61 -2.42 -11.33
C GLU A 214 -4.34 -1.91 -12.01
N LEU A 215 -3.16 -2.42 -11.64
CA LEU A 215 -1.91 -1.97 -12.25
C LEU A 215 -1.83 -2.32 -13.73
N MET A 216 -2.21 -3.55 -14.08
CA MET A 216 -2.15 -4.07 -15.45
C MET A 216 -3.15 -3.44 -16.41
N THR A 217 -4.25 -2.92 -15.89
CA THR A 217 -5.23 -2.17 -16.67
C THR A 217 -4.98 -0.66 -16.60
N PHE A 218 -3.83 -0.21 -16.03
CA PHE A 218 -3.44 1.19 -15.86
C PHE A 218 -4.48 2.03 -15.10
N GLY A 219 -5.06 1.42 -14.07
CA GLY A 219 -5.98 2.06 -13.15
C GLY A 219 -7.45 1.94 -13.47
N SER A 220 -7.88 0.87 -14.16
CA SER A 220 -9.31 0.68 -14.42
C SER A 220 -10.01 0.37 -13.10
N LYS A 221 -11.29 0.70 -13.02
CA LYS A 221 -12.08 0.48 -11.82
C LYS A 221 -12.56 -0.99 -11.85
N PRO A 222 -12.32 -1.83 -10.82
CA PRO A 222 -12.77 -3.23 -10.92
C PRO A 222 -14.30 -3.32 -10.91
N TYR A 223 -14.87 -4.13 -11.81
CA TYR A 223 -16.33 -4.32 -11.93
C TYR A 223 -17.02 -2.96 -12.09
N ASP A 224 -16.50 -2.15 -13.03
CA ASP A 224 -16.98 -0.79 -13.26
C ASP A 224 -18.46 -0.75 -13.59
N GLY A 225 -19.19 0.09 -12.86
CA GLY A 225 -20.62 0.28 -13.03
C GLY A 225 -21.49 -0.77 -12.34
N ILE A 226 -20.89 -1.77 -11.68
CA ILE A 226 -21.65 -2.82 -11.01
C ILE A 226 -21.85 -2.44 -9.54
N PRO A 227 -23.09 -2.37 -8.98
CA PRO A 227 -23.22 -2.02 -7.55
C PRO A 227 -22.56 -3.04 -6.64
N ALA A 228 -22.01 -2.58 -5.50
CA ALA A 228 -21.33 -3.43 -4.52
C ALA A 228 -22.20 -4.57 -4.02
N SER A 229 -23.53 -4.32 -3.92
CA SER A 229 -24.49 -5.32 -3.43
C SER A 229 -24.61 -6.53 -4.36
N GLU A 230 -24.21 -6.41 -5.65
CA GLU A 230 -24.28 -7.50 -6.63
C GLU A 230 -22.94 -8.28 -6.78
N ILE A 231 -21.89 -7.90 -6.07
CA ILE A 231 -20.56 -8.50 -6.23
C ILE A 231 -20.48 -9.95 -5.72
N SER A 232 -21.03 -10.24 -4.52
CA SER A 232 -20.99 -11.60 -3.99
C SER A 232 -21.69 -12.60 -4.91
N SER A 233 -22.82 -12.21 -5.55
CA SER A 233 -23.54 -13.07 -6.49
C SER A 233 -22.70 -13.36 -7.72
N ILE A 234 -22.04 -12.33 -8.26
CA ILE A 234 -21.18 -12.41 -9.46
C ILE A 234 -20.02 -13.39 -9.17
N LEU A 235 -19.38 -13.27 -8.02
CA LEU A 235 -18.28 -14.14 -7.63
C LEU A 235 -18.74 -15.58 -7.38
N GLU A 236 -19.90 -15.76 -6.73
CA GLU A 236 -20.48 -17.09 -6.47
C GLU A 236 -20.81 -17.81 -7.77
N LYS A 237 -21.20 -17.07 -8.83
CA LYS A 237 -21.46 -17.65 -10.14
C LYS A 237 -20.16 -18.00 -10.90
N GLY A 238 -18.99 -17.71 -10.33
CA GLY A 238 -17.70 -18.00 -10.94
C GLY A 238 -17.13 -16.91 -11.81
N GLU A 239 -17.78 -15.74 -11.86
CA GLU A 239 -17.29 -14.63 -12.66
C GLU A 239 -16.09 -13.95 -11.98
N ARG A 240 -15.10 -13.52 -12.78
CA ARG A 240 -13.91 -12.82 -12.29
C ARG A 240 -13.56 -11.63 -13.17
N LEU A 241 -12.64 -10.79 -12.71
CA LEU A 241 -12.17 -9.65 -13.51
C LEU A 241 -11.53 -10.16 -14.81
N PRO A 242 -11.72 -9.48 -15.95
CA PRO A 242 -11.20 -10.02 -17.20
C PRO A 242 -9.71 -9.86 -17.38
N GLN A 243 -9.16 -10.64 -18.33
CA GLN A 243 -7.75 -10.64 -18.64
C GLN A 243 -7.34 -9.26 -19.18
N PRO A 244 -6.44 -8.49 -18.53
CA PRO A 244 -6.04 -7.20 -19.11
C PRO A 244 -5.34 -7.36 -20.46
N PRO A 245 -5.57 -6.48 -21.47
CA PRO A 245 -4.92 -6.67 -22.79
C PRO A 245 -3.40 -6.87 -22.81
N ILE A 246 -2.67 -6.21 -21.90
CA ILE A 246 -1.20 -6.36 -21.88
C ILE A 246 -0.74 -7.68 -21.24
N CYS A 247 -1.62 -8.37 -20.49
CA CYS A 247 -1.23 -9.56 -19.78
C CYS A 247 -1.16 -10.78 -20.65
N THR A 248 -0.03 -11.48 -20.56
CA THR A 248 0.06 -12.81 -21.13
C THR A 248 -0.74 -13.71 -20.19
N ILE A 249 -1.11 -14.89 -20.65
CA ILE A 249 -1.78 -15.88 -19.82
C ILE A 249 -0.96 -16.21 -18.54
N ASP A 250 0.38 -16.13 -18.57
CA ASP A 250 1.19 -16.39 -17.37
C ASP A 250 0.84 -15.42 -16.24
N VAL A 251 0.69 -14.11 -16.56
CA VAL A 251 0.36 -13.12 -15.54
C VAL A 251 -1.10 -13.25 -15.13
N TYR A 252 -2.01 -13.41 -16.12
CA TYR A 252 -3.43 -13.53 -15.80
C TYR A 252 -3.76 -14.77 -14.95
N MET A 253 -3.09 -15.90 -15.20
N MET A 253 -3.10 -15.90 -15.19
CA MET A 253 -3.25 -17.13 -14.44
CA MET A 253 -3.33 -17.10 -14.37
C MET A 253 -2.91 -16.88 -12.95
C MET A 253 -2.90 -16.90 -12.92
N ILE A 254 -1.91 -16.06 -12.67
CA ILE A 254 -1.52 -15.73 -11.29
C ILE A 254 -2.67 -14.95 -10.62
N MET A 255 -3.28 -14.00 -11.34
CA MET A 255 -4.41 -13.24 -10.81
C MET A 255 -5.58 -14.16 -10.49
N VAL A 256 -5.89 -15.09 -11.41
CA VAL A 256 -7.00 -16.03 -11.26
C VAL A 256 -6.74 -16.95 -10.08
N LYS A 257 -5.47 -17.39 -9.88
CA LYS A 257 -5.14 -18.24 -8.73
C LYS A 257 -5.41 -17.49 -7.39
N CYS A 258 -5.20 -16.15 -7.36
CA CYS A 258 -5.51 -15.31 -6.22
C CYS A 258 -7.02 -15.27 -5.93
N TRP A 259 -7.88 -15.53 -6.94
CA TRP A 259 -9.32 -15.43 -6.80
C TRP A 259 -10.03 -16.78 -6.76
N MET A 260 -9.32 -17.83 -6.33
CA MET A 260 -9.95 -19.12 -6.18
C MET A 260 -10.77 -19.17 -4.91
N ILE A 261 -11.83 -19.99 -4.94
CA ILE A 261 -12.76 -20.14 -3.82
C ILE A 261 -12.06 -20.73 -2.61
N ASP A 262 -11.24 -21.76 -2.82
CA ASP A 262 -10.49 -22.37 -1.73
C ASP A 262 -9.34 -21.41 -1.39
N ALA A 263 -9.38 -20.81 -0.20
CA ALA A 263 -8.35 -19.85 0.22
C ALA A 263 -6.94 -20.46 0.24
N ASP A 264 -6.80 -21.72 0.68
CA ASP A 264 -5.52 -22.42 0.74
C ASP A 264 -4.98 -22.80 -0.63
N SER A 265 -5.81 -22.82 -1.69
CA SER A 265 -5.31 -23.05 -3.05
C SER A 265 -4.71 -21.77 -3.66
N ARG A 266 -4.99 -20.59 -3.10
CA ARG A 266 -4.46 -19.34 -3.64
C ARG A 266 -2.94 -19.31 -3.43
N PRO A 267 -2.15 -18.57 -4.23
CA PRO A 267 -0.71 -18.52 -3.95
C PRO A 267 -0.43 -17.87 -2.57
N LYS A 268 0.76 -18.11 -2.04
CA LYS A 268 1.21 -17.43 -0.82
C LYS A 268 1.97 -16.21 -1.29
N PHE A 269 2.05 -15.13 -0.48
CA PHE A 269 2.84 -13.95 -0.86
C PHE A 269 4.30 -14.30 -1.19
N ARG A 270 4.90 -15.25 -0.45
CA ARG A 270 6.30 -15.65 -0.72
C ARG A 270 6.45 -16.31 -2.12
N GLU A 271 5.41 -17.00 -2.59
CA GLU A 271 5.41 -17.59 -3.93
C GLU A 271 5.16 -16.50 -4.99
N LEU A 272 4.35 -15.47 -4.67
CA LEU A 272 4.10 -14.35 -5.56
C LEU A 272 5.39 -13.54 -5.75
N ILE A 273 6.24 -13.44 -4.69
CA ILE A 273 7.55 -12.76 -4.82
C ILE A 273 8.38 -13.52 -5.86
N ILE A 274 8.49 -14.85 -5.72
CA ILE A 274 9.27 -15.71 -6.59
C ILE A 274 8.76 -15.62 -8.05
N GLU A 275 7.47 -15.85 -8.27
CA GLU A 275 6.91 -15.87 -9.62
C GLU A 275 7.08 -14.54 -10.35
N PHE A 276 6.73 -13.42 -9.69
CA PHE A 276 6.90 -12.11 -10.31
C PHE A 276 8.38 -11.74 -10.49
N SER A 277 9.29 -12.24 -9.62
N SER A 277 9.27 -12.25 -9.61
CA SER A 277 10.71 -11.96 -9.76
CA SER A 277 10.70 -11.99 -9.72
C SER A 277 11.30 -12.66 -10.96
C SER A 277 11.27 -12.66 -10.97
N LYS A 278 10.84 -13.89 -11.26
CA LYS A 278 11.30 -14.62 -12.45
C LYS A 278 10.79 -13.88 -13.70
N MET A 279 9.52 -13.40 -13.67
CA MET A 279 8.96 -12.65 -14.78
C MET A 279 9.64 -11.31 -14.97
N ALA A 280 10.06 -10.64 -13.88
CA ALA A 280 10.78 -9.37 -13.93
C ALA A 280 12.17 -9.48 -14.58
N ARG A 281 12.73 -10.70 -14.70
CA ARG A 281 14.02 -10.91 -15.37
C ARG A 281 13.88 -10.89 -16.90
N ASP A 282 12.68 -11.14 -17.43
CA ASP A 282 12.42 -11.08 -18.87
C ASP A 282 11.02 -10.48 -19.01
N PRO A 283 10.85 -9.19 -18.66
CA PRO A 283 9.50 -8.64 -18.57
C PRO A 283 8.67 -8.58 -19.86
N GLN A 284 9.30 -8.52 -21.04
CA GLN A 284 8.57 -8.48 -22.32
C GLN A 284 8.04 -9.87 -22.75
N ARG A 285 8.51 -10.95 -22.12
CA ARG A 285 7.95 -12.27 -22.30
C ARG A 285 6.59 -12.38 -21.54
N TYR A 286 6.34 -11.54 -20.53
CA TYR A 286 5.16 -11.66 -19.68
C TYR A 286 4.16 -10.52 -19.78
N LEU A 287 4.55 -9.34 -20.29
CA LEU A 287 3.61 -8.24 -20.47
C LEU A 287 3.91 -7.65 -21.84
N VAL A 288 2.86 -7.44 -22.65
CA VAL A 288 3.00 -6.93 -24.02
C VAL A 288 2.45 -5.51 -24.02
N ILE A 289 3.35 -4.53 -24.00
CA ILE A 289 3.01 -3.11 -23.93
C ILE A 289 3.53 -2.42 -25.18
N GLN A 290 2.63 -1.73 -25.89
CA GLN A 290 2.98 -1.01 -27.11
C GLN A 290 4.02 0.10 -26.80
N GLY A 291 5.22 -0.03 -27.35
CA GLY A 291 6.32 0.92 -27.21
C GLY A 291 7.17 0.71 -25.96
N ASP A 292 7.18 -0.52 -25.44
CA ASP A 292 7.87 -0.87 -24.19
C ASP A 292 9.40 -0.66 -24.18
N GLU A 293 9.91 -0.20 -23.01
CA GLU A 293 11.33 0.01 -22.63
C GLU A 293 12.03 1.20 -23.33
N ARG A 294 11.41 1.89 -24.31
CA ARG A 294 11.98 3.17 -24.82
C ARG A 294 11.73 4.18 -23.66
N MET A 295 10.46 4.24 -23.22
CA MET A 295 9.95 5.00 -22.07
C MET A 295 10.85 4.81 -20.84
N HIS A 296 11.08 5.91 -20.09
N HIS A 296 11.08 5.90 -20.09
CA HIS A 296 11.91 5.90 -18.88
CA HIS A 296 11.89 5.90 -18.87
C HIS A 296 11.31 6.90 -17.88
C HIS A 296 11.28 6.88 -17.88
N LEU A 297 11.04 6.44 -16.64
CA LEU A 297 10.45 7.29 -15.58
C LEU A 297 11.55 7.90 -14.66
N PRO A 298 11.30 8.99 -13.88
CA PRO A 298 12.37 9.58 -13.05
C PRO A 298 13.03 8.65 -12.02
N SER A 299 14.24 9.02 -11.57
CA SER A 299 15.02 8.27 -10.59
C SER A 299 16.06 9.19 -9.88
N PRO A 300 16.54 8.87 -8.64
CA PRO A 300 17.54 9.77 -8.01
C PRO A 300 18.81 9.96 -8.84
N THR A 301 19.31 8.89 -9.49
CA THR A 301 20.50 8.93 -10.34
C THR A 301 20.08 8.95 -11.82
N ARG A 307 16.37 16.84 -6.23
CA ARG A 307 15.00 16.88 -5.71
C ARG A 307 14.40 18.27 -5.94
N ALA A 308 13.80 18.49 -7.14
CA ALA A 308 13.17 19.76 -7.52
C ALA A 308 12.02 20.12 -6.57
N LEU A 309 11.24 19.10 -6.12
CA LEU A 309 10.15 19.23 -5.14
C LEU A 309 10.53 20.01 -3.85
N MET A 310 11.83 20.13 -3.54
CA MET A 310 12.33 20.82 -2.35
C MET A 310 12.68 22.29 -2.65
N ASP A 311 12.48 23.18 -1.66
CA ASP A 311 12.87 24.58 -1.80
C ASP A 311 14.40 24.66 -1.63
N GLU A 312 15.06 25.57 -2.35
CA GLU A 312 16.52 25.75 -2.32
C GLU A 312 17.09 25.87 -0.90
N GLU A 313 16.45 26.65 -0.02
CA GLU A 313 16.95 26.83 1.35
C GLU A 313 17.02 25.54 2.17
N ASP A 314 16.29 24.50 1.77
CA ASP A 314 16.27 23.23 2.51
C ASP A 314 17.26 22.19 1.96
N MET A 315 17.49 22.18 0.64
CA MET A 315 18.33 21.19 -0.07
C MET A 315 19.54 20.59 0.69
N ASP A 316 20.43 21.40 1.28
CA ASP A 316 21.65 20.87 1.93
C ASP A 316 21.44 19.83 3.05
N ASP A 317 20.47 20.05 3.96
CA ASP A 317 20.26 19.15 5.09
C ASP A 317 19.10 18.18 4.92
N VAL A 318 18.51 18.09 3.71
CA VAL A 318 17.37 17.20 3.50
C VAL A 318 17.88 15.75 3.55
N VAL A 319 17.18 14.93 4.31
CA VAL A 319 17.49 13.52 4.46
C VAL A 319 16.16 12.79 4.31
N ASP A 320 16.09 11.82 3.42
CA ASP A 320 14.90 11.00 3.28
C ASP A 320 14.76 10.12 4.54
N ALA A 321 13.53 9.87 4.98
CA ALA A 321 13.27 9.06 6.17
C ALA A 321 13.96 7.67 6.12
N ASP A 322 14.14 7.06 4.93
CA ASP A 322 14.84 5.77 4.81
C ASP A 322 16.33 5.84 5.24
N GLU A 323 16.95 7.04 5.23
CA GLU A 323 18.33 7.19 5.68
C GLU A 323 18.40 7.85 7.08
N TYR A 324 17.27 7.99 7.78
CA TYR A 324 17.23 8.57 9.10
C TYR A 324 16.83 7.45 10.03
N LEU A 325 17.79 6.89 10.74
CA LEU A 325 17.55 5.78 11.66
C LEU A 325 17.76 6.23 13.08
N ILE A 326 17.21 5.50 14.04
CA ILE A 326 17.27 5.90 15.45
C ILE A 326 17.45 4.63 16.32
N PRO A 327 18.25 4.63 17.42
CA PRO A 327 18.37 3.39 18.22
C PRO A 327 17.16 3.16 19.10
CL CL B . -11.40 5.71 -8.43
CL CL C . -13.68 1.91 -2.51
N1 A1IMT D . -0.58 7.76 4.26
N3 A1IMT D . -2.68 11.48 -2.52
C4 A1IMT D . 0.77 9.89 7.58
C5 A1IMT D . 0.42 10.60 6.45
C6 A1IMT D . -0.06 9.95 5.33
C7 A1IMT D . -0.05 8.55 5.30
C8 A1IMT D . -1.06 8.06 3.03
C10 A1IMT D . 0.54 9.69 1.82
C13 A1IMT D . 2.00 11.23 0.63
C15 A1IMT D . -0.38 11.27 0.11
C17 A1IMT D . -2.41 12.27 -1.31
C20 A1IMT D . -2.63 12.32 -3.74
C21 A1IMT D . -2.90 10.12 -2.54
C22 A1IMT D . -3.55 9.61 -3.75
C24 A1IMT D . -5.09 7.91 -4.67
C26 A1IMT D . -7.07 6.91 -4.94
C28 A1IMT D . -2.76 8.23 1.57
C1 A1IMT D . -0.69 5.83 7.19
O1 A1IMT D . 0.14 6.49 6.24
C2 A1IMT D . 0.38 7.83 6.41
C3 A1IMT D . 0.63 8.52 7.59
C9 A1IMT D . -0.76 9.05 2.11
C11 A1IMT D . 1.68 9.28 2.49
C12 A1IMT D . 2.91 9.81 2.17
N2 A1IMT D . 3.08 10.81 1.28
C14 A1IMT D . 0.72 10.72 0.85
C16 A1IMT D . -1.29 11.73 -0.51
C18 A1IMT D . -1.96 13.59 -1.96
C19 A1IMT D . -2.85 13.70 -3.18
O2 A1IMT D . -2.72 9.41 -1.56
C23 A1IMT D . -3.99 8.38 -3.80
N4 A1IMT D . -6.32 7.65 -3.93
C25 A1IMT D . -7.07 8.87 -3.64
C27 A1IMT D . -3.67 12.40 -0.44
N5 A1IMT D . -1.76 9.01 1.15
C29 A1IMT D . -2.38 7.64 2.75
C30 A1IMT D . -3.32 6.82 3.50
O3 A1IMT D . -3.11 6.42 4.66
N6 A1IMT D . -4.46 6.51 2.85
C31 A1IMT D . -4.70 6.75 1.44
C32 A1IMT D . -4.09 8.05 0.93
CL1 A1IMT D . 1.26 7.66 8.95
#